data_4YRQ
#
_entry.id   4YRQ
#
_cell.length_a   65.097
_cell.length_b   119.271
_cell.length_c   66.140
_cell.angle_alpha   90.000
_cell.angle_beta   92.850
_cell.angle_gamma   90.000
#
_symmetry.space_group_name_H-M   'I 1 2 1'
#
loop_
_entity.id
_entity.type
_entity.pdbx_description
1 polymer 'Histidyl-tRNA synthetase'
2 non-polymer HISTIDINE
3 non-polymer 6-amino-2H-chromen-2-one
4 non-polymer 1,2-ETHANEDIOL
5 non-polymer 'DIMETHYL SULFOXIDE'
6 non-polymer 'SULFATE ION'
7 water water
#
_entity_poly.entity_id   1
_entity_poly.type   'polypeptide(L)'
_entity_poly.pdbx_seq_one_letter_code
;MAHHHHHHMGTLEAQTQGPGSMQKNMVETEPVQGCRDFPPEAMRCRRHLFDVFHATAKTFGFEEYDAPVLESEELYIRKA
GEEITEQMFNFITKGGHRVALRPEMTPSLARLLLGKGRSLLLPAKWYSIPQCWRYEAITRGRRREHYQWNMDIVGVKSVS
AEVELVCAACWAMRSLGLSSKDVGIKVNSRKVLQTVVEQAGVTSDKFAPVCVIVDKMEKIPREEVEAQLAVLGLEPTVVD
AITTTLSLKSIDEIAQRVGEEHEAVKELRQFFEQVEAYGYGDWVLFDASVVRGLAYYTGIVFEGFDREGKFRALCGGGRY
DNLLTTYGSPTPIPCAGFGFGDCVIVELLQEKRLLPDIPHVVDDVVIPFDESMRPHALAVLRRLRDAGRSADIILDKKKV
VQAFNYADRVGAVRAVLVAPEEWERGEVQVKMLREGTGKEEGGAERGFAVPLDRLV
;
_entity_poly.pdbx_strand_id   A
#
# COMPACT_ATOMS: atom_id res chain seq x y z
N MET A 26 -32.91 -5.13 18.02
CA MET A 26 -32.12 -5.08 16.75
C MET A 26 -30.61 -5.01 17.03
N VAL A 27 -29.85 -5.83 16.31
CA VAL A 27 -28.40 -5.86 16.41
C VAL A 27 -27.79 -4.55 15.89
N GLU A 28 -26.61 -4.20 16.37
CA GLU A 28 -25.93 -3.02 15.89
C GLU A 28 -25.47 -3.25 14.44
N THR A 29 -25.95 -2.41 13.53
CA THR A 29 -25.62 -2.51 12.12
C THR A 29 -24.28 -1.85 11.78
N GLU A 30 -23.90 -0.83 12.54
CA GLU A 30 -22.60 -0.18 12.32
C GLU A 30 -21.44 -1.13 12.69
N PRO A 31 -20.31 -1.01 11.99
CA PRO A 31 -19.12 -1.80 12.35
C PRO A 31 -18.51 -1.29 13.67
N VAL A 32 -17.58 -2.07 14.21
CA VAL A 32 -16.84 -1.65 15.40
C VAL A 32 -16.12 -0.31 15.16
N GLN A 33 -16.02 0.46 16.24
CA GLN A 33 -15.40 1.77 16.26
C GLN A 33 -14.12 1.89 15.44
N GLY A 34 -14.11 2.82 14.50
CA GLY A 34 -12.94 3.11 13.68
C GLY A 34 -12.65 2.08 12.59
N CYS A 35 -13.61 1.21 12.29
CA CYS A 35 -13.41 0.12 11.33
C CYS A 35 -14.41 0.21 10.18
N ARG A 36 -13.97 -0.18 8.99
CA ARG A 36 -14.77 -0.03 7.77
C ARG A 36 -15.38 -1.33 7.28
N ASP A 37 -16.62 -1.21 6.81
CA ASP A 37 -17.28 -2.23 6.03
C ASP A 37 -17.01 -2.01 4.56
N PHE A 38 -16.98 -3.09 3.79
CA PHE A 38 -16.78 -3.01 2.35
C PHE A 38 -17.87 -3.82 1.67
N PRO A 39 -19.09 -3.26 1.59
CA PRO A 39 -20.10 -3.90 0.75
C PRO A 39 -19.62 -3.82 -0.70
N PRO A 40 -20.29 -4.53 -1.62
CA PRO A 40 -19.73 -4.72 -2.97
C PRO A 40 -19.26 -3.45 -3.66
N GLU A 41 -20.03 -2.38 -3.49
CA GLU A 41 -19.69 -1.08 -4.09
C GLU A 41 -18.33 -0.56 -3.62
N ALA A 42 -18.13 -0.49 -2.31
CA ALA A 42 -16.85 -0.10 -1.73
C ALA A 42 -15.78 -1.13 -2.06
N MET A 43 -16.13 -2.42 -2.06
CA MET A 43 -15.15 -3.47 -2.33
C MET A 43 -14.57 -3.36 -3.75
N ARG A 44 -15.39 -2.95 -4.72
CA ARG A 44 -14.90 -2.73 -6.08
C ARG A 44 -13.82 -1.66 -6.11
N CYS A 45 -14.01 -0.59 -5.34
CA CYS A 45 -13.03 0.49 -5.25
CA CYS A 45 -13.02 0.48 -5.28
C CYS A 45 -11.72 0.01 -4.63
N ARG A 46 -11.82 -0.74 -3.54
CA ARG A 46 -10.65 -1.30 -2.85
C ARG A 46 -9.88 -2.26 -3.77
N ARG A 47 -10.62 -3.05 -4.53
CA ARG A 47 -10.05 -4.02 -5.44
C ARG A 47 -9.35 -3.31 -6.62
N HIS A 48 -9.91 -2.19 -7.06
CA HIS A 48 -9.27 -1.36 -8.08
C HIS A 48 -7.87 -0.91 -7.62
N LEU A 49 -7.76 -0.53 -6.35
CA LEU A 49 -6.49 -0.15 -5.76
C LEU A 49 -5.54 -1.35 -5.60
N PHE A 50 -6.04 -2.42 -4.98
CA PHE A 50 -5.21 -3.58 -4.71
C PHE A 50 -4.72 -4.22 -6.00
N ASP A 51 -5.56 -4.23 -7.03
CA ASP A 51 -5.16 -4.74 -8.34
C ASP A 51 -3.92 -3.99 -8.84
N VAL A 52 -3.89 -2.67 -8.62
CA VAL A 52 -2.69 -1.89 -8.97
C VAL A 52 -1.50 -2.28 -8.10
N PHE A 53 -1.69 -2.43 -6.79
CA PHE A 53 -0.58 -2.85 -5.92
C PHE A 53 0.01 -4.20 -6.38
N HIS A 54 -0.87 -5.18 -6.59
CA HIS A 54 -0.43 -6.49 -7.07
C HIS A 54 0.25 -6.39 -8.44
N ALA A 55 -0.36 -5.64 -9.36
CA ALA A 55 0.17 -5.54 -10.72
C ALA A 55 1.54 -4.86 -10.75
N THR A 56 1.70 -3.81 -9.94
CA THR A 56 2.99 -3.12 -9.82
C THR A 56 4.07 -4.02 -9.24
N ALA A 57 3.75 -4.73 -8.16
CA ALA A 57 4.69 -5.68 -7.55
C ALA A 57 5.15 -6.76 -8.55
N LYS A 58 4.22 -7.27 -9.36
CA LYS A 58 4.55 -8.26 -10.38
C LYS A 58 5.45 -7.66 -11.47
N THR A 59 5.07 -6.48 -11.94
CA THR A 59 5.88 -5.75 -12.91
C THR A 59 7.33 -5.57 -12.41
N PHE A 60 7.48 -5.34 -11.11
CA PHE A 60 8.79 -5.06 -10.53
C PHE A 60 9.48 -6.32 -9.96
N GLY A 61 8.87 -7.49 -10.16
CA GLY A 61 9.47 -8.76 -9.73
C GLY A 61 9.50 -9.02 -8.24
N PHE A 62 8.56 -8.44 -7.49
CA PHE A 62 8.44 -8.71 -6.05
C PHE A 62 7.53 -9.95 -5.80
N GLU A 63 7.78 -10.65 -4.69
CA GLU A 63 7.04 -11.88 -4.34
C GLU A 63 6.15 -11.63 -3.16
N GLU A 64 4.91 -12.11 -3.24
CA GLU A 64 3.97 -11.91 -2.15
C GLU A 64 4.28 -12.76 -0.91
N TYR A 65 4.01 -12.22 0.26
CA TYR A 65 4.06 -12.97 1.52
C TYR A 65 2.95 -12.47 2.43
N ASP A 66 2.77 -13.18 3.54
CA ASP A 66 1.83 -12.76 4.57
C ASP A 66 2.27 -13.36 5.90
N ALA A 67 1.73 -12.80 6.98
CA ALA A 67 2.00 -13.23 8.34
C ALA A 67 0.75 -12.86 9.16
N PRO A 68 0.67 -13.35 10.41
CA PRO A 68 -0.56 -13.15 11.18
C PRO A 68 -0.73 -11.70 11.62
N VAL A 69 -1.95 -11.20 11.55
CA VAL A 69 -2.29 -9.86 12.03
C VAL A 69 -1.99 -9.72 13.53
N LEU A 70 -2.09 -10.83 14.24
CA LEU A 70 -1.73 -10.93 15.65
C LEU A 70 -0.24 -11.26 15.80
N GLU A 71 0.51 -10.35 16.42
CA GLU A 71 1.92 -10.60 16.71
C GLU A 71 2.18 -10.40 18.20
N SER A 72 3.32 -10.92 18.66
CA SER A 72 3.76 -10.67 20.02
C SER A 72 4.03 -9.18 20.20
N GLU A 73 3.55 -8.62 21.31
CA GLU A 73 3.75 -7.21 21.62
C GLU A 73 5.24 -6.85 21.68
N GLU A 74 6.05 -7.79 22.17
CA GLU A 74 7.51 -7.62 22.28
C GLU A 74 8.16 -7.22 20.95
N LEU A 75 7.54 -7.64 19.85
CA LEU A 75 8.04 -7.31 18.53
C LEU A 75 8.15 -5.81 18.28
N TYR A 76 7.29 -5.01 18.94
CA TYR A 76 7.21 -3.56 18.69
C TYR A 76 7.77 -2.64 19.79
N ILE A 77 8.32 -3.22 20.85
CA ILE A 77 8.83 -2.41 21.96
C ILE A 77 10.20 -1.83 21.58
N ARG A 78 10.21 -0.64 21.00
CA ARG A 78 11.47 -0.03 20.54
C ARG A 78 11.95 1.14 21.40
N LYS A 79 11.11 1.61 22.32
CA LYS A 79 11.51 2.60 23.34
C LYS A 79 12.08 3.88 22.74
N ALA A 80 11.51 4.35 21.63
CA ALA A 80 12.00 5.56 20.97
C ALA A 80 10.94 6.66 20.86
N GLY A 81 9.81 6.49 21.55
CA GLY A 81 8.72 7.48 21.53
C GLY A 81 7.96 7.55 20.21
N GLU A 82 7.96 6.46 19.45
CA GLU A 82 7.28 6.44 18.14
C GLU A 82 5.76 6.45 18.29
N GLU A 83 5.11 7.24 17.46
CA GLU A 83 3.65 7.28 17.37
C GLU A 83 3.10 5.88 17.09
N ILE A 84 3.78 5.14 16.24
CA ILE A 84 3.32 3.83 15.79
C ILE A 84 3.30 2.79 16.92
N THR A 85 4.27 2.87 17.83
CA THR A 85 4.33 1.98 18.98
C THR A 85 3.50 2.53 20.14
N GLU A 86 3.41 3.85 20.25
CA GLU A 86 2.53 4.48 21.24
C GLU A 86 1.04 4.18 21.04
N GLN A 87 0.60 4.03 19.79
CA GLN A 87 -0.84 3.88 19.50
C GLN A 87 -1.18 2.42 19.15
N MET A 88 -0.56 1.51 19.89
CA MET A 88 -0.62 0.09 19.61
C MET A 88 -1.95 -0.51 20.09
N PHE A 89 -2.63 -1.24 19.21
CA PHE A 89 -3.87 -1.94 19.56
C PHE A 89 -3.47 -3.26 20.21
N ASN A 90 -3.21 -3.22 21.50
CA ASN A 90 -2.70 -4.43 22.18
C ASN A 90 -3.68 -4.96 23.20
N PHE A 91 -3.53 -6.24 23.53
CA PHE A 91 -4.32 -6.85 24.59
C PHE A 91 -3.59 -8.08 25.11
N ILE A 92 -4.12 -8.65 26.19
CA ILE A 92 -3.56 -9.86 26.80
C ILE A 92 -4.49 -11.02 26.51
N THR A 93 -3.93 -12.15 26.09
CA THR A 93 -4.71 -13.37 25.83
C THR A 93 -5.28 -13.95 27.13
N LYS A 94 -6.14 -14.95 26.99
CA LYS A 94 -6.61 -15.73 28.14
C LYS A 94 -5.42 -16.34 28.88
N GLY A 95 -4.46 -16.86 28.11
CA GLY A 95 -3.25 -17.45 28.67
C GLY A 95 -2.19 -16.47 29.16
N GLY A 96 -2.52 -15.19 29.23
CA GLY A 96 -1.62 -14.19 29.78
C GLY A 96 -0.51 -13.68 28.86
N HIS A 97 -0.55 -14.04 27.57
CA HIS A 97 0.45 -13.56 26.61
C HIS A 97 0.11 -12.16 26.09
N ARG A 98 1.12 -11.30 26.01
CA ARG A 98 0.94 -9.91 25.59
C ARG A 98 1.03 -9.84 24.05
N VAL A 99 -0.11 -9.58 23.40
CA VAL A 99 -0.20 -9.55 21.92
C VAL A 99 -0.73 -8.22 21.40
N ALA A 100 -0.63 -8.05 20.08
CA ALA A 100 -1.05 -6.83 19.43
C ALA A 100 -1.50 -7.13 18.02
N LEU A 101 -2.56 -6.48 17.59
CA LEU A 101 -2.87 -6.40 16.16
C LEU A 101 -1.80 -5.47 15.59
N ARG A 102 -1.10 -5.94 14.57
CA ARG A 102 0.11 -5.26 14.09
C ARG A 102 -0.14 -3.81 13.73
N PRO A 103 0.72 -2.90 14.22
CA PRO A 103 0.61 -1.50 13.80
C PRO A 103 1.31 -1.23 12.46
N GLU A 104 2.17 -2.17 12.03
CA GLU A 104 2.91 -2.06 10.79
C GLU A 104 3.38 -3.47 10.44
N MET A 105 3.97 -3.64 9.27
CA MET A 105 4.38 -4.96 8.80
C MET A 105 5.86 -5.23 8.92
N THR A 106 6.69 -4.19 8.97
CA THR A 106 8.13 -4.36 8.85
C THR A 106 8.72 -5.31 9.92
N PRO A 107 8.25 -5.23 11.17
CA PRO A 107 8.71 -6.19 12.18
C PRO A 107 8.37 -7.66 11.85
N SER A 108 7.18 -7.90 11.27
CA SER A 108 6.80 -9.26 10.87
C SER A 108 7.74 -9.74 9.76
N LEU A 109 8.02 -8.86 8.80
CA LEU A 109 8.95 -9.19 7.72
C LEU A 109 10.31 -9.60 8.28
N ALA A 110 10.86 -8.80 9.18
CA ALA A 110 12.17 -9.09 9.78
C ALA A 110 12.16 -10.40 10.58
N ARG A 111 11.05 -10.67 11.29
CA ARG A 111 10.88 -11.94 12.00
C ARG A 111 11.02 -13.09 11.03
N LEU A 112 10.28 -13.00 9.92
CA LEU A 112 10.34 -13.99 8.85
C LEU A 112 11.75 -14.16 8.28
N LEU A 113 12.40 -13.04 7.97
CA LEU A 113 13.75 -13.07 7.44
C LEU A 113 14.72 -13.70 8.46
N LEU A 114 14.67 -13.25 9.71
CA LEU A 114 15.51 -13.81 10.77
C LEU A 114 15.29 -15.32 10.92
N GLY A 115 14.03 -15.76 10.86
CA GLY A 115 13.70 -17.19 10.89
C GLY A 115 14.38 -18.02 9.80
N LYS A 116 14.47 -17.48 8.59
CA LYS A 116 15.07 -18.22 7.48
C LYS A 116 16.60 -18.30 7.55
N GLY A 117 17.24 -17.24 8.06
CA GLY A 117 18.70 -17.21 8.17
C GLY A 117 19.39 -17.39 6.83
N ARG A 118 20.35 -18.30 6.78
CA ARG A 118 21.16 -18.56 5.58
C ARG A 118 20.41 -19.25 4.45
N SER A 119 19.31 -19.92 4.76
CA SER A 119 18.46 -20.54 3.72
C SER A 119 17.82 -19.49 2.80
N LEU A 120 17.70 -18.25 3.25
CA LEU A 120 17.09 -17.19 2.43
C LEU A 120 18.06 -16.73 1.37
N LEU A 121 17.68 -16.89 0.11
CA LEU A 121 18.53 -16.45 -0.99
C LEU A 121 18.33 -14.95 -1.22
N LEU A 122 19.44 -14.25 -1.43
CA LEU A 122 19.45 -12.80 -1.52
C LEU A 122 20.11 -12.41 -2.83
N PRO A 123 19.68 -11.30 -3.43
CA PRO A 123 18.65 -10.39 -2.86
C PRO A 123 17.23 -10.95 -2.88
N ALA A 124 16.38 -10.49 -1.96
CA ALA A 124 14.97 -10.87 -1.92
C ALA A 124 14.09 -9.62 -2.04
N LYS A 125 13.03 -9.71 -2.82
CA LYS A 125 12.08 -8.63 -3.00
C LYS A 125 10.70 -9.14 -2.65
N TRP A 126 10.19 -8.71 -1.49
CA TRP A 126 8.94 -9.24 -0.94
C TRP A 126 7.92 -8.11 -0.75
N TYR A 127 6.65 -8.43 -1.01
CA TYR A 127 5.57 -7.48 -0.83
C TYR A 127 4.35 -8.12 -0.17
N SER A 128 3.53 -7.27 0.43
CA SER A 128 2.28 -7.71 1.02
CA SER A 128 2.29 -7.70 1.05
C SER A 128 1.31 -6.53 1.13
N ILE A 129 0.04 -6.82 1.36
CA ILE A 129 -0.94 -5.75 1.54
C ILE A 129 -1.70 -5.96 2.84
N PRO A 130 -1.01 -5.92 4.00
CA PRO A 130 -1.66 -6.19 5.29
C PRO A 130 -2.60 -5.09 5.77
N GLN A 131 -3.66 -5.49 6.45
CA GLN A 131 -4.42 -4.59 7.30
C GLN A 131 -3.55 -4.35 8.54
N CYS A 132 -3.37 -3.08 8.89
CA CYS A 132 -2.63 -2.70 10.08
C CYS A 132 -3.54 -1.88 10.97
N TRP A 133 -3.25 -1.90 12.27
CA TRP A 133 -4.17 -1.45 13.29
C TRP A 133 -3.56 -0.44 14.24
N ARG A 134 -4.42 0.42 14.78
CA ARG A 134 -4.04 1.33 15.85
C ARG A 134 -5.19 1.57 16.80
N TYR A 135 -4.86 2.08 17.97
CA TYR A 135 -5.84 2.47 18.97
C TYR A 135 -5.45 3.84 19.52
N GLU A 136 -6.39 4.77 19.55
CA GLU A 136 -6.16 6.10 20.13
C GLU A 136 -7.22 6.46 21.17
N ARG A 142 -11.44 9.11 14.49
CA ARG A 142 -10.18 8.47 14.15
C ARG A 142 -10.38 7.05 13.63
N ARG A 143 -9.82 6.76 12.47
CA ARG A 143 -9.83 5.40 11.94
C ARG A 143 -8.81 4.55 12.72
N ARG A 144 -9.17 3.30 12.99
CA ARG A 144 -8.31 2.38 13.74
C ARG A 144 -7.70 1.26 12.88
N GLU A 145 -8.10 1.18 11.62
CA GLU A 145 -7.47 0.23 10.70
C GLU A 145 -7.28 0.84 9.32
N HIS A 146 -6.23 0.39 8.65
CA HIS A 146 -6.05 0.68 7.24
C HIS A 146 -5.29 -0.47 6.60
N TYR A 147 -5.39 -0.57 5.29
CA TYR A 147 -4.55 -1.48 4.55
C TYR A 147 -3.33 -0.71 4.08
N GLN A 148 -2.20 -1.40 4.00
CA GLN A 148 -0.95 -0.77 3.66
C GLN A 148 -0.12 -1.68 2.80
N TRP A 149 0.02 -1.30 1.55
CA TRP A 149 0.89 -2.02 0.63
C TRP A 149 2.31 -1.88 1.14
N ASN A 150 3.00 -2.99 1.33
CA ASN A 150 4.39 -2.99 1.78
C ASN A 150 5.26 -3.56 0.69
N MET A 151 6.37 -2.89 0.41
CA MET A 151 7.35 -3.37 -0.56
C MET A 151 8.72 -3.24 0.08
N ASP A 152 9.50 -4.31 0.05
CA ASP A 152 10.82 -4.31 0.69
C ASP A 152 11.83 -5.09 -0.13
N ILE A 153 13.04 -4.54 -0.20
CA ILE A 153 14.18 -5.19 -0.83
C ILE A 153 15.21 -5.51 0.25
N VAL A 154 15.63 -6.76 0.29
CA VAL A 154 16.48 -7.26 1.34
C VAL A 154 17.77 -7.77 0.72
N GLY A 155 18.90 -7.37 1.31
CA GLY A 155 20.21 -7.89 0.91
C GLY A 155 20.90 -7.03 -0.13
N VAL A 156 20.40 -5.81 -0.35
CA VAL A 156 20.99 -4.91 -1.31
C VAL A 156 21.55 -3.69 -0.59
N LYS A 157 22.87 -3.56 -0.66
CA LYS A 157 23.58 -2.48 0.02
C LYS A 157 23.44 -1.12 -0.66
N SER A 158 23.37 -1.12 -1.99
CA SER A 158 23.43 0.14 -2.74
C SER A 158 22.08 0.82 -2.92
N VAL A 159 22.15 2.10 -3.29
CA VAL A 159 20.97 2.93 -3.50
C VAL A 159 20.07 2.44 -4.64
N SER A 160 20.55 1.49 -5.44
CA SER A 160 19.71 0.83 -6.43
C SER A 160 18.40 0.28 -5.84
N ALA A 161 18.41 -0.13 -4.57
CA ALA A 161 17.21 -0.60 -3.89
C ALA A 161 16.18 0.52 -3.73
N GLU A 162 16.60 1.62 -3.11
CA GLU A 162 15.74 2.77 -2.92
C GLU A 162 15.25 3.30 -4.27
N VAL A 163 16.11 3.28 -5.29
CA VAL A 163 15.70 3.72 -6.62
C VAL A 163 14.49 2.89 -7.09
N GLU A 164 14.62 1.57 -7.06
CA GLU A 164 13.54 0.70 -7.50
C GLU A 164 12.26 0.88 -6.67
N LEU A 165 12.40 1.00 -5.35
CA LEU A 165 11.25 1.18 -4.48
C LEU A 165 10.50 2.47 -4.83
N VAL A 166 11.22 3.58 -4.97
CA VAL A 166 10.59 4.87 -5.31
C VAL A 166 9.95 4.82 -6.69
N CYS A 167 10.63 4.23 -7.66
CA CYS A 167 10.02 4.00 -8.97
C CYS A 167 8.74 3.15 -8.89
N ALA A 168 8.74 2.13 -8.04
CA ALA A 168 7.55 1.28 -7.84
C ALA A 168 6.37 2.07 -7.30
N ALA A 169 6.63 2.95 -6.33
CA ALA A 169 5.57 3.80 -5.80
C ALA A 169 5.05 4.77 -6.87
N CYS A 170 5.94 5.38 -7.62
CA CYS A 170 5.53 6.25 -8.71
C CYS A 170 4.69 5.49 -9.75
N TRP A 171 5.15 4.28 -10.09
CA TRP A 171 4.47 3.41 -11.06
C TRP A 171 3.05 3.09 -10.62
N ALA A 172 2.86 2.76 -9.35
CA ALA A 172 1.53 2.54 -8.82
C ALA A 172 0.64 3.79 -8.97
N MET A 173 1.18 4.95 -8.60
CA MET A 173 0.42 6.18 -8.72
C MET A 173 0.07 6.49 -10.18
N ARG A 174 1.01 6.26 -11.10
CA ARG A 174 0.74 6.45 -12.52
C ARG A 174 -0.33 5.48 -13.02
N SER A 175 -0.24 4.23 -12.56
CA SER A 175 -1.22 3.21 -12.92
C SER A 175 -2.64 3.58 -12.47
N LEU A 176 -2.73 4.37 -11.39
CA LEU A 176 -4.01 4.81 -10.88
C LEU A 176 -4.55 6.07 -11.59
N GLY A 177 -3.79 6.62 -12.53
CA GLY A 177 -4.20 7.79 -13.30
C GLY A 177 -3.54 9.11 -12.90
N LEU A 178 -2.70 9.10 -11.86
CA LEU A 178 -2.01 10.33 -11.44
C LEU A 178 -0.78 10.59 -12.30
N SER A 179 -0.34 11.85 -12.32
CA SER A 179 0.87 12.22 -13.03
C SER A 179 1.82 12.96 -12.11
N SER A 180 3.01 13.24 -12.61
CA SER A 180 4.02 13.99 -11.86
C SER A 180 3.59 15.43 -11.63
N LYS A 181 2.53 15.88 -12.31
CA LYS A 181 1.93 17.16 -11.99
C LYS A 181 1.03 17.04 -10.76
N ASP A 182 0.54 15.83 -10.47
CA ASP A 182 -0.35 15.63 -9.33
C ASP A 182 0.39 15.38 -8.03
N VAL A 183 1.48 14.63 -8.14
CA VAL A 183 2.17 14.07 -6.99
C VAL A 183 3.67 14.07 -7.22
N GLY A 184 4.41 13.88 -6.14
CA GLY A 184 5.83 13.54 -6.24
C GLY A 184 6.28 12.75 -5.05
N ILE A 185 7.57 12.45 -5.01
CA ILE A 185 8.22 11.82 -3.87
C ILE A 185 9.42 12.64 -3.41
N LYS A 186 9.41 13.03 -2.14
CA LYS A 186 10.46 13.82 -1.54
C LYS A 186 11.44 12.85 -0.94
N VAL A 187 12.73 13.11 -1.14
CA VAL A 187 13.81 12.19 -0.77
C VAL A 187 14.90 12.90 0.04
N ASN A 188 15.41 12.21 1.06
CA ASN A 188 16.51 12.71 1.88
C ASN A 188 17.33 11.54 2.39
N SER A 189 18.46 11.82 3.04
CA SER A 189 19.19 10.80 3.80
C SER A 189 19.39 11.20 5.25
N ARG A 190 19.05 10.31 6.17
CA ARG A 190 19.30 10.49 7.60
C ARG A 190 20.79 10.55 7.97
N LYS A 191 21.67 10.12 7.07
CA LYS A 191 23.10 10.13 7.37
C LYS A 191 23.63 11.56 7.55
N VAL A 192 23.07 12.51 6.80
CA VAL A 192 23.42 13.93 6.95
C VAL A 192 23.24 14.35 8.41
N LEU A 193 22.02 14.19 8.90
CA LEU A 193 21.69 14.48 10.28
C LEU A 193 22.53 13.67 11.28
N GLN A 194 22.75 12.38 10.98
CA GLN A 194 23.58 11.50 11.82
C GLN A 194 24.95 12.14 12.10
N THR A 195 25.59 12.64 11.05
CA THR A 195 26.85 13.34 11.17
C THR A 195 26.74 14.53 12.12
N VAL A 196 25.73 15.37 11.93
CA VAL A 196 25.54 16.57 12.76
C VAL A 196 25.31 16.20 14.23
N VAL A 197 24.53 15.16 14.48
CA VAL A 197 24.29 14.70 15.86
C VAL A 197 25.55 14.10 16.48
N GLU A 198 26.26 13.28 15.70
CA GLU A 198 27.51 12.66 16.15
C GLU A 198 28.61 13.71 16.40
N GLN A 199 28.79 14.64 15.46
CA GLN A 199 29.82 15.67 15.60
C GLN A 199 29.56 16.61 16.77
N ALA A 200 28.30 17.03 16.93
CA ALA A 200 27.92 17.91 18.04
C ALA A 200 28.25 17.31 19.41
N GLY A 201 28.38 15.99 19.47
CA GLY A 201 28.83 15.31 20.69
C GLY A 201 27.76 14.44 21.33
N VAL A 202 26.55 14.45 20.78
CA VAL A 202 25.44 13.69 21.32
C VAL A 202 25.69 12.20 21.14
N THR A 203 25.45 11.44 22.21
CA THR A 203 25.57 9.98 22.16
C THR A 203 24.59 9.42 21.13
N SER A 204 25.06 8.46 20.34
CA SER A 204 24.32 7.97 19.17
C SER A 204 22.99 7.29 19.52
N ASP A 205 22.86 6.79 20.74
CA ASP A 205 21.60 6.18 21.19
C ASP A 205 20.43 7.18 21.26
N LYS A 206 20.74 8.47 21.23
CA LYS A 206 19.72 9.52 21.17
C LYS A 206 19.31 9.86 19.73
N PHE A 207 20.05 9.36 18.74
CA PHE A 207 19.81 9.70 17.33
C PHE A 207 18.40 9.31 16.86
N ALA A 208 18.02 8.07 17.12
CA ALA A 208 16.68 7.60 16.74
C ALA A 208 15.57 8.41 17.41
N PRO A 209 15.67 8.66 18.74
CA PRO A 209 14.75 9.58 19.40
C PRO A 209 14.69 10.97 18.78
N VAL A 210 15.85 11.48 18.36
CA VAL A 210 15.92 12.79 17.71
C VAL A 210 15.14 12.79 16.39
N CYS A 211 15.42 11.82 15.53
CA CYS A 211 14.68 11.69 14.27
C CYS A 211 13.19 11.66 14.53
N VAL A 212 12.76 10.84 15.48
CA VAL A 212 11.36 10.74 15.84
C VAL A 212 10.78 12.11 16.20
N ILE A 213 11.52 12.91 16.96
CA ILE A 213 11.06 14.24 17.38
C ILE A 213 11.05 15.24 16.23
N VAL A 214 12.14 15.26 15.47
CA VAL A 214 12.29 16.17 14.33
C VAL A 214 11.25 15.89 13.23
N ASP A 215 10.85 14.63 13.10
CA ASP A 215 9.72 14.25 12.24
C ASP A 215 8.45 15.06 12.52
N LYS A 216 8.27 15.56 13.74
CA LYS A 216 7.08 16.32 14.11
C LYS A 216 7.06 17.75 13.56
N MET A 217 8.21 18.21 13.05
CA MET A 217 8.42 19.61 12.65
C MET A 217 7.28 20.28 11.87
N GLU A 218 6.84 19.66 10.79
CA GLU A 218 5.77 20.23 9.96
C GLU A 218 4.42 20.23 10.68
N LYS A 219 4.23 19.29 11.61
CA LYS A 219 2.97 19.14 12.34
C LYS A 219 2.79 20.17 13.45
N ILE A 220 3.82 20.36 14.28
CA ILE A 220 3.73 21.20 15.48
C ILE A 220 4.74 22.37 15.43
N PRO A 221 4.51 23.43 16.24
CA PRO A 221 5.42 24.58 16.23
C PRO A 221 6.86 24.21 16.57
N ARG A 222 7.80 24.91 15.95
CA ARG A 222 9.23 24.71 16.19
C ARG A 222 9.58 24.84 17.67
N GLU A 223 8.81 25.66 18.39
CA GLU A 223 8.93 25.78 19.84
C GLU A 223 8.77 24.42 20.51
N GLU A 224 7.63 23.78 20.25
CA GLU A 224 7.32 22.46 20.84
C GLU A 224 8.41 21.43 20.50
N VAL A 225 8.84 21.42 19.25
CA VAL A 225 9.90 20.49 18.80
C VAL A 225 11.22 20.82 19.47
N GLU A 226 11.54 22.11 19.55
CA GLU A 226 12.75 22.56 20.25
C GLU A 226 12.72 22.12 21.72
N ALA A 227 11.56 22.28 22.35
CA ALA A 227 11.37 21.86 23.73
C ALA A 227 11.57 20.35 23.91
N GLN A 228 11.07 19.56 22.96
CA GLN A 228 11.21 18.10 23.04
C GLN A 228 12.67 17.66 23.02
N LEU A 229 13.48 18.29 22.18
CA LEU A 229 14.90 17.98 22.08
C LEU A 229 15.66 18.41 23.34
N ALA A 230 15.21 19.52 23.94
CA ALA A 230 15.75 19.98 25.21
C ALA A 230 15.59 18.90 26.27
N VAL A 231 14.37 18.37 26.40
CA VAL A 231 14.10 17.28 27.35
C VAL A 231 15.00 16.07 27.09
N LEU A 232 15.19 15.72 25.82
CA LEU A 232 16.10 14.64 25.42
C LEU A 232 17.52 14.86 25.96
N GLY A 233 17.99 16.11 25.93
CA GLY A 233 19.29 16.47 26.48
C GLY A 233 19.87 17.71 25.84
N PRO A 236 20.80 23.40 23.03
CA PRO A 236 20.60 24.68 22.34
C PRO A 236 21.50 24.85 21.12
N THR A 237 22.79 24.56 21.29
CA THR A 237 23.75 24.63 20.19
C THR A 237 23.48 23.56 19.15
N VAL A 238 23.47 22.29 19.59
CA VAL A 238 23.21 21.16 18.71
C VAL A 238 21.81 21.24 18.11
N VAL A 239 20.88 21.82 18.86
CA VAL A 239 19.50 21.98 18.38
C VAL A 239 19.45 22.93 17.18
N ASP A 240 20.17 24.05 17.29
CA ASP A 240 20.32 24.96 16.16
C ASP A 240 20.92 24.27 14.93
N ALA A 241 21.94 23.45 15.13
CA ALA A 241 22.59 22.75 14.02
C ALA A 241 21.61 21.82 13.29
N ILE A 242 20.80 21.09 14.06
CA ILE A 242 19.75 20.22 13.51
C ILE A 242 18.77 21.02 12.64
N THR A 243 18.25 22.10 13.21
CA THR A 243 17.29 22.97 12.55
C THR A 243 17.81 23.52 11.22
N THR A 244 19.06 23.97 11.23
CA THR A 244 19.67 24.56 10.04
C THR A 244 19.77 23.53 8.91
N THR A 245 20.26 22.34 9.23
CA THR A 245 20.42 21.29 8.21
C THR A 245 19.08 20.76 7.66
N LEU A 246 18.03 20.80 8.46
CA LEU A 246 16.68 20.46 7.99
C LEU A 246 16.15 21.40 6.92
N SER A 247 16.55 22.67 6.96
CA SER A 247 15.98 23.68 6.09
C SER A 247 16.84 24.01 4.86
N LEU A 248 17.97 23.32 4.70
CA LEU A 248 18.79 23.45 3.49
C LEU A 248 18.03 22.95 2.26
N LYS A 249 17.90 23.79 1.24
CA LYS A 249 16.95 23.54 0.15
C LYS A 249 17.50 22.73 -1.03
N SER A 250 18.80 22.49 -1.09
CA SER A 250 19.40 21.79 -2.22
C SER A 250 20.52 20.86 -1.79
N ILE A 251 20.91 19.95 -2.69
CA ILE A 251 21.96 18.98 -2.39
C ILE A 251 23.34 19.65 -2.38
N ASP A 252 23.53 20.63 -3.26
CA ASP A 252 24.76 21.41 -3.25
C ASP A 252 24.97 22.05 -1.87
N GLU A 253 23.91 22.63 -1.31
CA GLU A 253 23.97 23.19 0.04
C GLU A 253 24.33 22.15 1.10
N ILE A 254 23.84 20.92 0.96
CA ILE A 254 24.24 19.84 1.87
C ILE A 254 25.72 19.54 1.69
N ALA A 255 26.16 19.47 0.43
CA ALA A 255 27.58 19.21 0.15
C ALA A 255 28.49 20.30 0.72
N GLN A 256 28.02 21.55 0.76
CA GLN A 256 28.78 22.62 1.42
C GLN A 256 28.92 22.38 2.92
N ARG A 257 27.89 21.81 3.52
CA ARG A 257 27.87 21.54 4.96
C ARG A 257 28.75 20.37 5.35
N VAL A 258 28.68 19.28 4.58
CA VAL A 258 29.37 18.02 4.92
C VAL A 258 30.42 17.55 3.90
N GLY A 259 30.57 18.26 2.78
CA GLY A 259 31.51 17.87 1.72
C GLY A 259 30.82 17.24 0.51
N GLU A 260 31.36 17.47 -0.68
CA GLU A 260 30.78 16.95 -1.93
C GLU A 260 30.85 15.42 -2.02
N GLU A 261 31.81 14.82 -1.31
CA GLU A 261 31.95 13.37 -1.29
C GLU A 261 31.62 12.75 0.06
N HIS A 262 30.81 13.43 0.87
CA HIS A 262 30.27 12.82 2.09
C HIS A 262 29.43 11.63 1.62
N GLU A 263 29.31 10.63 2.49
CA GLU A 263 28.62 9.39 2.13
C GLU A 263 27.25 9.68 1.53
N ALA A 264 26.46 10.44 2.28
CA ALA A 264 25.10 10.82 1.87
C ALA A 264 25.03 11.55 0.53
N VAL A 265 26.01 12.39 0.23
CA VAL A 265 25.96 13.19 -1.00
C VAL A 265 26.09 12.30 -2.23
N LYS A 266 27.07 11.39 -2.22
CA LYS A 266 27.25 10.47 -3.33
C LYS A 266 26.03 9.55 -3.52
N GLU A 267 25.45 9.07 -2.43
CA GLU A 267 24.27 8.19 -2.49
C GLU A 267 23.06 8.93 -3.06
N LEU A 268 22.76 10.12 -2.54
CA LEU A 268 21.66 10.92 -3.08
C LEU A 268 21.86 11.23 -4.56
N ARG A 269 23.07 11.63 -4.95
CA ARG A 269 23.41 11.91 -6.34
C ARG A 269 23.17 10.69 -7.23
N GLN A 270 23.71 9.55 -6.81
CA GLN A 270 23.49 8.30 -7.52
C GLN A 270 22.00 7.93 -7.60
N PHE A 271 21.28 8.16 -6.51
CA PHE A 271 19.83 7.90 -6.47
C PHE A 271 19.09 8.71 -7.54
N PHE A 272 19.36 10.01 -7.62
CA PHE A 272 18.68 10.85 -8.62
C PHE A 272 19.13 10.53 -10.04
N GLU A 273 20.41 10.23 -10.22
CA GLU A 273 20.89 9.80 -11.52
C GLU A 273 20.12 8.56 -12.02
N GLN A 274 19.93 7.58 -11.14
CA GLN A 274 19.25 6.33 -11.52
C GLN A 274 17.76 6.53 -11.77
N VAL A 275 17.09 7.29 -10.91
CA VAL A 275 15.66 7.55 -11.13
C VAL A 275 15.44 8.27 -12.46
N GLU A 276 16.31 9.24 -12.76
CA GLU A 276 16.27 9.97 -14.04
C GLU A 276 16.46 9.03 -15.22
N ALA A 277 17.43 8.12 -15.13
CA ALA A 277 17.64 7.09 -16.17
C ALA A 277 16.42 6.19 -16.40
N TYR A 278 15.66 5.89 -15.34
CA TYR A 278 14.43 5.08 -15.47
C TYR A 278 13.27 5.89 -16.08
N GLY A 279 13.42 7.21 -16.12
CA GLY A 279 12.41 8.09 -16.71
C GLY A 279 11.40 8.69 -15.74
N TYR A 280 11.73 8.70 -14.45
CA TYR A 280 10.85 9.27 -13.42
C TYR A 280 11.47 10.50 -12.74
N GLY A 281 12.41 11.16 -13.42
CA GLY A 281 13.07 12.35 -12.88
C GLY A 281 12.10 13.44 -12.46
N ASP A 282 11.02 13.60 -13.23
CA ASP A 282 9.97 14.59 -12.92
C ASP A 282 9.16 14.29 -11.64
N TRP A 283 9.20 13.05 -11.17
CA TRP A 283 8.44 12.63 -9.97
C TRP A 283 9.16 12.85 -8.64
N VAL A 284 10.48 12.98 -8.66
CA VAL A 284 11.26 12.97 -7.41
C VAL A 284 11.96 14.30 -7.16
N LEU A 285 12.23 14.58 -5.88
CA LEU A 285 13.00 15.76 -5.53
C LEU A 285 13.63 15.62 -4.17
N PHE A 286 14.60 16.50 -3.92
CA PHE A 286 15.28 16.55 -2.63
C PHE A 286 14.52 17.41 -1.64
N ASP A 287 14.44 16.94 -0.40
CA ASP A 287 13.85 17.72 0.66
C ASP A 287 14.50 17.34 2.00
N ALA A 288 15.30 18.26 2.53
CA ALA A 288 16.11 18.04 3.72
C ALA A 288 15.29 17.91 5.00
N SER A 289 14.03 18.31 4.96
CA SER A 289 13.17 18.18 6.13
C SER A 289 12.62 16.77 6.32
N VAL A 290 12.75 15.89 5.33
CA VAL A 290 12.14 14.55 5.39
C VAL A 290 13.02 13.58 6.21
N VAL A 291 12.50 13.12 7.34
CA VAL A 291 13.20 12.14 8.18
C VAL A 291 12.37 10.88 8.44
N ARG A 292 11.04 11.00 8.39
CA ARG A 292 10.10 9.94 8.76
C ARG A 292 10.08 9.71 10.27
N GLY A 293 9.04 9.04 10.75
CA GLY A 293 8.79 8.90 12.18
C GLY A 293 9.28 7.61 12.82
N LEU A 294 9.83 6.70 12.02
CA LEU A 294 10.25 5.39 12.54
C LEU A 294 11.69 5.41 13.01
N ALA A 295 11.94 4.63 14.06
CA ALA A 295 13.23 4.62 14.71
C ALA A 295 14.30 4.03 13.82
N TYR A 296 13.91 3.07 12.98
CA TYR A 296 14.90 2.17 12.36
C TYR A 296 15.51 2.62 11.04
N TYR A 297 15.09 3.77 10.49
CA TYR A 297 15.68 4.22 9.23
C TYR A 297 17.11 4.71 9.47
N THR A 298 18.04 4.22 8.64
CA THR A 298 19.46 4.56 8.76
C THR A 298 19.99 5.40 7.60
N GLY A 299 19.36 5.32 6.43
CA GLY A 299 19.89 5.95 5.22
C GLY A 299 18.89 6.83 4.52
N ILE A 300 18.76 6.63 3.22
CA ILE A 300 17.76 7.31 2.41
C ILE A 300 16.36 7.09 2.98
N VAL A 301 15.60 8.18 3.10
CA VAL A 301 14.20 8.13 3.48
C VAL A 301 13.42 8.92 2.45
N PHE A 302 12.14 8.59 2.31
CA PHE A 302 11.32 9.27 1.32
C PHE A 302 9.83 9.21 1.65
N GLU A 303 9.08 10.12 1.04
CA GLU A 303 7.64 10.14 1.17
C GLU A 303 6.92 10.81 -0.01
N GLY A 304 5.78 10.24 -0.36
CA GLY A 304 4.98 10.74 -1.45
C GLY A 304 4.07 11.85 -0.95
N PHE A 305 3.75 12.78 -1.83
CA PHE A 305 2.92 13.93 -1.47
C PHE A 305 2.17 14.43 -2.68
N ASP A 306 1.03 15.09 -2.43
CA ASP A 306 0.29 15.74 -3.50
C ASP A 306 0.80 17.17 -3.67
N ARG A 307 0.96 17.60 -4.91
CA ARG A 307 1.53 18.90 -5.22
C ARG A 307 0.60 20.11 -5.01
N GLU A 308 -0.63 19.87 -4.55
CA GLU A 308 -1.51 20.96 -4.09
C GLU A 308 -1.41 21.22 -2.59
N GLY A 309 -0.64 20.40 -1.86
CA GLY A 309 -0.49 20.55 -0.41
C GLY A 309 -1.78 20.37 0.38
N LYS A 310 -2.62 19.43 -0.04
CA LYS A 310 -3.91 19.20 0.62
C LYS A 310 -3.96 17.99 1.53
N PHE A 311 -3.08 17.02 1.32
CA PHE A 311 -3.20 15.74 1.99
C PHE A 311 -1.95 15.38 2.79
N ARG A 312 -2.14 14.43 3.70
CA ARG A 312 -1.02 13.81 4.43
C ARG A 312 -0.17 13.00 3.45
N ALA A 313 0.92 12.44 3.95
CA ALA A 313 1.82 11.68 3.10
C ALA A 313 1.06 10.50 2.44
N LEU A 314 1.32 10.27 1.15
CA LEU A 314 0.68 9.20 0.40
C LEU A 314 1.36 7.85 0.64
N CYS A 315 2.65 7.91 0.93
CA CYS A 315 3.45 6.73 1.19
C CYS A 315 4.73 7.19 1.85
N GLY A 316 5.45 6.24 2.44
CA GLY A 316 6.67 6.56 3.13
C GLY A 316 7.55 5.36 3.37
N GLY A 317 8.86 5.56 3.32
CA GLY A 317 9.79 4.46 3.49
C GLY A 317 11.22 4.92 3.64
N GLY A 318 12.13 3.96 3.54
CA GLY A 318 13.53 4.23 3.70
C GLY A 318 14.35 2.98 3.91
N ARG A 319 15.65 3.20 4.06
CA ARG A 319 16.62 2.14 4.32
C ARG A 319 16.73 1.92 5.81
N TYR A 320 16.78 0.66 6.21
CA TYR A 320 16.91 0.28 7.60
C TYR A 320 17.90 -0.88 7.74
N ASP A 321 19.20 -0.55 7.70
CA ASP A 321 20.27 -1.56 7.61
C ASP A 321 20.63 -2.23 8.93
N ASN A 322 20.14 -1.70 10.05
CA ASN A 322 20.47 -2.22 11.38
C ASN A 322 19.37 -3.05 12.07
N LEU A 323 18.14 -2.97 11.57
CA LEU A 323 17.01 -3.65 12.23
C LEU A 323 17.32 -5.11 12.51
N LEU A 324 17.78 -5.83 11.50
CA LEU A 324 17.95 -7.28 11.66
C LEU A 324 19.05 -7.59 12.68
N THR A 325 20.05 -6.71 12.76
CA THR A 325 21.06 -6.81 13.81
C THR A 325 20.45 -6.63 15.20
N THR A 326 19.54 -5.66 15.37
CA THR A 326 18.89 -5.48 16.67
C THR A 326 17.99 -6.65 17.02
N TYR A 327 17.48 -7.39 16.03
CA TYR A 327 16.67 -8.58 16.29
C TYR A 327 17.51 -9.82 16.64
N GLY A 328 18.83 -9.71 16.48
CA GLY A 328 19.77 -10.78 16.82
C GLY A 328 20.43 -11.47 15.64
N SER A 329 20.29 -10.92 14.42
CA SER A 329 20.99 -11.50 13.26
C SER A 329 22.49 -11.52 13.50
N PRO A 330 23.15 -12.68 13.28
CA PRO A 330 24.61 -12.71 13.45
C PRO A 330 25.35 -11.84 12.43
N THR A 331 24.76 -11.65 11.26
CA THR A 331 25.35 -10.86 10.19
C THR A 331 24.40 -9.71 9.81
N PRO A 332 24.95 -8.50 9.54
CA PRO A 332 24.10 -7.39 9.14
C PRO A 332 23.37 -7.68 7.84
N ILE A 333 22.09 -7.37 7.78
CA ILE A 333 21.29 -7.57 6.58
C ILE A 333 20.75 -6.22 6.12
N PRO A 334 21.26 -5.71 4.98
CA PRO A 334 20.72 -4.47 4.45
C PRO A 334 19.28 -4.64 4.01
N CYS A 335 18.46 -3.63 4.27
CA CYS A 335 17.05 -3.65 3.90
C CYS A 335 16.60 -2.25 3.54
N ALA A 336 15.59 -2.17 2.70
CA ALA A 336 14.92 -0.91 2.39
C ALA A 336 13.51 -1.22 1.93
N GLY A 337 12.59 -0.31 2.19
CA GLY A 337 11.20 -0.54 1.80
C GLY A 337 10.32 0.65 2.07
N PHE A 338 9.03 0.47 1.78
CA PHE A 338 8.04 1.50 2.05
C PHE A 338 6.67 0.90 2.34
N GLY A 339 5.82 1.74 2.93
CA GLY A 339 4.41 1.47 3.12
C GLY A 339 3.62 2.51 2.35
N PHE A 340 2.44 2.11 1.91
CA PHE A 340 1.61 2.92 1.02
C PHE A 340 0.18 2.59 1.43
N GLY A 341 -0.41 3.48 2.23
CA GLY A 341 -1.74 3.25 2.80
C GLY A 341 -2.86 3.33 1.78
N ASP A 342 -4.03 2.84 2.17
CA ASP A 342 -5.16 2.76 1.25
C ASP A 342 -6.14 3.94 1.37
N CYS A 343 -5.93 4.85 2.32
CA CYS A 343 -6.93 5.88 2.63
C CYS A 343 -6.64 7.24 2.01
N VAL A 344 -5.46 7.80 2.29
CA VAL A 344 -5.07 9.08 1.72
C VAL A 344 -5.10 9.03 0.19
N ILE A 345 -4.50 8.00 -0.41
CA ILE A 345 -4.52 7.85 -1.87
C ILE A 345 -5.94 7.90 -2.46
N VAL A 346 -6.89 7.26 -1.76
CA VAL A 346 -8.28 7.25 -2.21
C VAL A 346 -8.89 8.66 -2.17
N GLU A 347 -8.59 9.44 -1.13
CA GLU A 347 -9.06 10.82 -1.04
C GLU A 347 -8.49 11.68 -2.18
N LEU A 348 -7.22 11.45 -2.51
CA LEU A 348 -6.58 12.16 -3.57
C LEU A 348 -7.22 11.78 -4.90
N LEU A 349 -7.37 10.49 -5.14
CA LEU A 349 -7.98 10.02 -6.39
C LEU A 349 -9.42 10.56 -6.55
N GLN A 350 -10.17 10.63 -5.46
CA GLN A 350 -11.53 11.19 -5.51
C GLN A 350 -11.50 12.67 -5.85
N GLU A 351 -10.61 13.42 -5.23
CA GLU A 351 -10.41 14.85 -5.55
C GLU A 351 -10.08 15.05 -7.03
N LYS A 352 -9.23 14.18 -7.57
CA LYS A 352 -8.83 14.24 -8.98
C LYS A 352 -9.84 13.60 -9.94
N ARG A 353 -10.94 13.07 -9.42
CA ARG A 353 -11.98 12.37 -10.19
C ARG A 353 -11.41 11.16 -10.95
N LEU A 354 -10.60 10.38 -10.25
CA LEU A 354 -9.99 9.18 -10.80
C LEU A 354 -10.56 7.89 -10.20
N LEU A 355 -11.68 7.99 -9.49
CA LEU A 355 -12.33 6.82 -8.92
C LEU A 355 -13.81 6.83 -9.26
N PRO A 356 -14.13 6.80 -10.56
CA PRO A 356 -15.53 6.70 -10.91
C PRO A 356 -16.06 5.35 -10.46
N ASP A 357 -17.31 5.33 -10.00
CA ASP A 357 -18.01 4.07 -9.70
C ASP A 357 -17.89 3.16 -10.91
N ILE A 358 -17.47 1.92 -10.69
CA ILE A 358 -17.40 0.93 -11.76
C ILE A 358 -18.45 -0.14 -11.48
N PRO A 359 -19.61 -0.05 -12.15
CA PRO A 359 -20.67 -1.00 -11.80
C PRO A 359 -20.29 -2.46 -12.03
N HIS A 360 -20.94 -3.34 -11.30
CA HIS A 360 -20.80 -4.77 -11.51
C HIS A 360 -21.17 -5.17 -12.95
N VAL A 361 -20.45 -6.16 -13.47
CA VAL A 361 -20.74 -6.73 -14.79
C VAL A 361 -20.74 -8.25 -14.71
N VAL A 362 -21.48 -8.86 -15.62
CA VAL A 362 -21.45 -10.30 -15.84
C VAL A 362 -21.67 -10.52 -17.34
N ASP A 363 -21.12 -11.58 -17.92
CA ASP A 363 -21.23 -11.80 -19.36
C ASP A 363 -22.67 -12.13 -19.74
N ASP A 364 -23.21 -13.19 -19.13
CA ASP A 364 -24.52 -13.72 -19.50
C ASP A 364 -25.49 -13.79 -18.31
N VAL A 365 -26.76 -13.48 -18.56
CA VAL A 365 -27.83 -13.89 -17.67
C VAL A 365 -28.76 -14.84 -18.43
N VAL A 366 -28.86 -16.08 -17.94
CA VAL A 366 -29.69 -17.10 -18.55
C VAL A 366 -31.08 -17.02 -17.95
N ILE A 367 -32.08 -16.98 -18.82
CA ILE A 367 -33.46 -16.75 -18.41
C ILE A 367 -34.34 -17.92 -18.84
N PRO A 368 -34.85 -18.72 -17.88
CA PRO A 368 -35.79 -19.74 -18.27
C PRO A 368 -37.09 -19.07 -18.70
N PHE A 369 -37.64 -19.47 -19.84
CA PHE A 369 -38.92 -18.91 -20.27
C PHE A 369 -39.95 -19.08 -19.15
N ASP A 370 -39.94 -20.25 -18.52
CA ASP A 370 -40.74 -20.51 -17.33
C ASP A 370 -40.03 -21.63 -16.59
N GLU A 371 -40.66 -22.11 -15.51
CA GLU A 371 -40.04 -23.15 -14.68
C GLU A 371 -39.85 -24.50 -15.36
N SER A 372 -40.68 -24.82 -16.34
CA SER A 372 -40.50 -26.07 -17.09
C SER A 372 -39.17 -26.07 -17.86
N MET A 373 -38.64 -24.89 -18.16
CA MET A 373 -37.36 -24.75 -18.89
C MET A 373 -36.12 -24.69 -18.01
N ARG A 374 -36.30 -24.77 -16.69
CA ARG A 374 -35.17 -24.58 -15.77
C ARG A 374 -34.07 -25.63 -16.01
N PRO A 375 -34.44 -26.91 -16.15
CA PRO A 375 -33.40 -27.91 -16.38
C PRO A 375 -32.57 -27.63 -17.62
N HIS A 376 -33.24 -27.24 -18.70
CA HIS A 376 -32.54 -26.93 -19.94
C HIS A 376 -31.67 -25.68 -19.74
N ALA A 377 -32.20 -24.66 -19.06
CA ALA A 377 -31.44 -23.43 -18.79
C ALA A 377 -30.15 -23.69 -17.99
N LEU A 378 -30.23 -24.64 -17.06
CA LEU A 378 -29.10 -25.07 -16.29
C LEU A 378 -28.02 -25.74 -17.15
N ALA A 379 -28.45 -26.50 -18.14
CA ALA A 379 -27.51 -27.12 -19.08
C ALA A 379 -26.78 -26.02 -19.86
N VAL A 380 -27.54 -24.99 -20.24
CA VAL A 380 -27.01 -23.84 -20.97
C VAL A 380 -26.05 -23.04 -20.09
N LEU A 381 -26.45 -22.81 -18.84
CA LEU A 381 -25.59 -22.14 -17.87
C LEU A 381 -24.25 -22.86 -17.71
N ARG A 382 -24.31 -24.19 -17.64
CA ARG A 382 -23.12 -25.03 -17.57
C ARG A 382 -22.18 -24.81 -18.76
N ARG A 383 -22.73 -24.86 -19.96
CA ARG A 383 -21.95 -24.61 -21.17
C ARG A 383 -21.24 -23.27 -21.17
N LEU A 384 -21.98 -22.21 -20.84
CA LEU A 384 -21.41 -20.87 -20.83
C LEU A 384 -20.25 -20.76 -19.86
N ARG A 385 -20.44 -21.27 -18.64
CA ARG A 385 -19.40 -21.22 -17.63
C ARG A 385 -18.22 -22.11 -18.01
N ASP A 386 -18.52 -23.27 -18.61
CA ASP A 386 -17.47 -24.16 -19.15
C ASP A 386 -16.55 -23.42 -20.12
N ALA A 387 -17.09 -22.46 -20.86
CA ALA A 387 -16.30 -21.71 -21.83
C ALA A 387 -15.50 -20.55 -21.20
N GLY A 388 -15.58 -20.37 -19.88
CA GLY A 388 -14.87 -19.28 -19.21
C GLY A 388 -15.69 -18.02 -19.05
N ARG A 389 -16.96 -18.05 -19.40
CA ARG A 389 -17.78 -16.87 -19.26
C ARG A 389 -18.32 -16.77 -17.82
N SER A 390 -18.59 -15.55 -17.38
CA SER A 390 -19.27 -15.30 -16.12
C SER A 390 -20.78 -15.26 -16.41
N ALA A 391 -21.56 -16.05 -15.70
CA ALA A 391 -22.98 -16.20 -16.01
C ALA A 391 -23.84 -16.40 -14.78
N ASP A 392 -25.01 -15.78 -14.77
CA ASP A 392 -26.04 -16.04 -13.80
C ASP A 392 -27.16 -16.78 -14.47
N ILE A 393 -27.97 -17.44 -13.64
CA ILE A 393 -29.30 -17.89 -14.05
C ILE A 393 -30.32 -17.24 -13.12
N ILE A 394 -31.47 -16.90 -13.67
CA ILE A 394 -32.55 -16.38 -12.87
C ILE A 394 -32.93 -17.48 -11.86
N LEU A 395 -32.82 -17.19 -10.57
CA LEU A 395 -33.02 -18.21 -9.54
C LEU A 395 -34.45 -18.29 -9.05
N ASP A 396 -35.10 -17.13 -8.95
CA ASP A 396 -36.50 -17.05 -8.51
C ASP A 396 -37.42 -17.36 -9.68
N LYS A 397 -38.68 -17.62 -9.36
CA LYS A 397 -39.72 -17.69 -10.37
C LYS A 397 -40.07 -16.25 -10.72
N LYS A 398 -39.84 -15.83 -11.97
CA LYS A 398 -40.27 -14.49 -12.38
C LYS A 398 -40.55 -14.35 -13.87
N LYS A 399 -41.29 -13.31 -14.21
CA LYS A 399 -41.72 -13.09 -15.59
C LYS A 399 -40.54 -12.66 -16.44
N VAL A 400 -40.60 -12.95 -17.73
CA VAL A 400 -39.49 -12.67 -18.64
C VAL A 400 -39.09 -11.20 -18.62
N VAL A 401 -40.04 -10.28 -18.61
CA VAL A 401 -39.71 -8.84 -18.58
C VAL A 401 -38.91 -8.45 -17.32
N GLN A 402 -39.29 -9.00 -16.18
CA GLN A 402 -38.61 -8.69 -14.93
C GLN A 402 -37.21 -9.32 -14.91
N ALA A 403 -37.09 -10.48 -15.54
CA ALA A 403 -35.79 -11.15 -15.68
C ALA A 403 -34.84 -10.29 -16.53
N PHE A 404 -35.35 -9.70 -17.61
CA PHE A 404 -34.58 -8.75 -18.43
C PHE A 404 -34.18 -7.51 -17.64
N ASN A 405 -35.09 -7.03 -16.79
CA ASN A 405 -34.76 -5.93 -15.91
C ASN A 405 -33.60 -6.31 -14.95
N TYR A 406 -33.71 -7.47 -14.33
CA TYR A 406 -32.66 -7.96 -13.44
C TYR A 406 -31.33 -8.05 -14.20
N ALA A 407 -31.36 -8.64 -15.40
CA ALA A 407 -30.21 -8.66 -16.28
C ALA A 407 -29.56 -7.29 -16.49
N ASP A 408 -30.37 -6.25 -16.73
CA ASP A 408 -29.83 -4.89 -16.86
C ASP A 408 -29.20 -4.41 -15.55
N ARG A 409 -29.90 -4.65 -14.45
CA ARG A 409 -29.45 -4.18 -13.14
C ARG A 409 -28.10 -4.75 -12.77
N VAL A 410 -27.89 -6.03 -13.05
CA VAL A 410 -26.60 -6.68 -12.72
C VAL A 410 -25.49 -6.40 -13.74
N GLY A 411 -25.79 -5.63 -14.79
CA GLY A 411 -24.80 -5.26 -15.80
C GLY A 411 -24.43 -6.41 -16.72
N ALA A 412 -25.42 -7.22 -17.09
CA ALA A 412 -25.20 -8.29 -18.08
C ALA A 412 -24.88 -7.74 -19.48
N VAL A 413 -23.91 -8.36 -20.14
CA VAL A 413 -23.59 -8.03 -21.53
C VAL A 413 -24.65 -8.67 -22.45
N ARG A 414 -25.17 -9.81 -22.04
CA ARG A 414 -26.03 -10.62 -22.90
C ARG A 414 -27.14 -11.31 -22.08
N ALA A 415 -28.36 -11.34 -22.61
CA ALA A 415 -29.43 -12.14 -22.03
C ALA A 415 -29.67 -13.37 -22.91
N VAL A 416 -29.68 -14.55 -22.28
CA VAL A 416 -29.89 -15.80 -22.99
C VAL A 416 -31.23 -16.38 -22.55
N LEU A 417 -32.23 -16.22 -23.40
CA LEU A 417 -33.57 -16.70 -23.09
C LEU A 417 -33.72 -18.14 -23.57
N VAL A 418 -34.08 -19.02 -22.65
CA VAL A 418 -34.23 -20.44 -22.94
C VAL A 418 -35.73 -20.75 -23.00
N ALA A 419 -36.27 -20.84 -24.21
CA ALA A 419 -37.70 -21.01 -24.42
C ALA A 419 -38.00 -22.29 -25.19
N PRO A 420 -39.21 -22.87 -24.99
CA PRO A 420 -39.55 -24.19 -25.57
C PRO A 420 -39.40 -24.28 -27.09
N GLU A 421 -39.89 -23.29 -27.82
CA GLU A 421 -39.86 -23.37 -29.29
C GLU A 421 -38.44 -23.41 -29.82
N GLU A 422 -37.57 -22.56 -29.28
CA GLU A 422 -36.17 -22.52 -29.70
C GLU A 422 -35.44 -23.77 -29.24
N TRP A 423 -35.75 -24.23 -28.03
CA TRP A 423 -35.11 -25.43 -27.49
C TRP A 423 -35.37 -26.63 -28.38
N GLU A 424 -36.59 -26.72 -28.91
CA GLU A 424 -36.95 -27.81 -29.83
C GLU A 424 -36.03 -27.83 -31.05
N ARG A 425 -35.56 -26.66 -31.48
CA ARG A 425 -34.68 -26.55 -32.64
C ARG A 425 -33.19 -26.58 -32.29
N GLY A 426 -32.87 -26.98 -31.06
CA GLY A 426 -31.49 -26.96 -30.58
C GLY A 426 -30.92 -25.55 -30.48
N GLU A 427 -31.79 -24.59 -30.14
CA GLU A 427 -31.42 -23.18 -30.07
C GLU A 427 -31.85 -22.50 -28.76
N VAL A 428 -31.27 -21.33 -28.51
CA VAL A 428 -31.76 -20.37 -27.52
C VAL A 428 -31.83 -18.99 -28.16
N GLN A 429 -32.52 -18.07 -27.50
CA GLN A 429 -32.59 -16.69 -27.95
C GLN A 429 -31.55 -15.86 -27.22
N VAL A 430 -30.72 -15.16 -27.98
CA VAL A 430 -29.67 -14.33 -27.42
C VAL A 430 -29.93 -12.87 -27.77
N LYS A 431 -29.82 -12.01 -26.75
CA LYS A 431 -30.07 -10.59 -26.90
C LYS A 431 -28.91 -9.81 -26.28
N MET A 432 -28.26 -8.99 -27.10
CA MET A 432 -27.13 -8.15 -26.65
C MET A 432 -27.70 -6.92 -25.96
N LEU A 433 -27.28 -6.69 -24.72
CA LEU A 433 -27.87 -5.61 -23.91
C LEU A 433 -27.10 -4.30 -24.00
N ARG A 434 -25.88 -4.32 -24.55
CA ARG A 434 -25.10 -3.12 -24.79
C ARG A 434 -24.47 -3.14 -26.19
N GLY A 447 -33.53 -10.09 -30.20
CA GLY A 447 -33.37 -11.43 -29.64
C GLY A 447 -33.33 -12.49 -30.72
N PHE A 448 -32.12 -12.87 -31.16
CA PHE A 448 -31.94 -13.78 -32.29
C PHE A 448 -31.73 -15.21 -31.80
N ALA A 449 -32.24 -16.17 -32.53
CA ALA A 449 -32.05 -17.59 -32.20
C ALA A 449 -30.63 -18.01 -32.55
N VAL A 450 -30.00 -18.78 -31.67
CA VAL A 450 -28.62 -19.19 -31.83
C VAL A 450 -28.47 -20.68 -31.46
N PRO A 451 -27.78 -21.46 -32.30
CA PRO A 451 -27.53 -22.86 -31.93
C PRO A 451 -26.71 -22.94 -30.64
N LEU A 452 -27.04 -23.88 -29.78
CA LEU A 452 -26.30 -24.08 -28.52
C LEU A 452 -24.80 -23.94 -28.71
N ASP A 453 -24.23 -24.71 -29.64
CA ASP A 453 -22.78 -24.73 -29.89
C ASP A 453 -22.18 -23.34 -30.19
N ARG A 454 -22.99 -22.48 -30.81
CA ARG A 454 -22.54 -21.15 -31.24
C ARG A 454 -22.55 -20.09 -30.13
N LEU A 455 -23.13 -20.43 -28.97
CA LEU A 455 -23.18 -19.51 -27.84
C LEU A 455 -21.82 -19.01 -27.38
N VAL A 456 -20.80 -19.85 -27.51
CA VAL A 456 -19.52 -19.62 -26.89
C VAL A 456 -18.37 -19.51 -27.91
#